data_3PN1
#
_entry.id   3PN1
#
_cell.length_a   137.806
_cell.length_b   137.806
_cell.length_c   56.023
_cell.angle_alpha   90.000
_cell.angle_beta   90.000
_cell.angle_gamma   90.000
#
_symmetry.space_group_name_H-M   'P 43 21 2'
#
loop_
_entity.id
_entity.type
_entity.pdbx_description
1 polymer 'DNA ligase'
2 non-polymer 2-(butylsulfanyl)adenosine
3 non-polymer 1-(2,4-dimethylbenzyl)-6-oxo-1,6-dihydropyridine-3-carboxamide
4 water water
#
_entity_poly.entity_id   1
_entity_poly.type   'polypeptide(L)'
_entity_poly.pdbx_seq_one_letter_code
;MTNIQTQLDNLRKTLRQYEYEYHVLDNPSVPDSEYDRLFHQLKALELEHPEFLTSDSPTQRVGAKPLSGFSQIRHEIPML
SLDNAFSDAEFNAFVKRIEDRLILLPKPLTFCCEPKLDGLAVSILYVNGELTQAATRGDGTTGEDITANIRTIRNVPLQL
LTDNPPARLEVRGEVFMPHAGFERLNKYALEHNEKTFANPRNAAAGSLRQLDPNITSKRPLVLNAYGIGIAEGVDLPTTH
YARLQWLKSIGIPVNPEIRLCNGADEVLGFYRDIQNKRSSLGYDIDGTVLKINDIALQNELGFISKAPRWAIAYKFPA
;
_entity_poly.pdbx_strand_id   A
#
loop_
_chem_comp.id
_chem_comp.type
_chem_comp.name
_chem_comp.formula
IVH non-polymer 2-(butylsulfanyl)adenosine 'C14 H21 N5 O4 S'
IWH non-polymer 1-(2,4-dimethylbenzyl)-6-oxo-1,6-dihydropyridine-3-carboxamide 'C15 H16 N2 O2'
#
# COMPACT_ATOMS: atom_id res chain seq x y z
N MET A 1 -21.55 25.98 -17.58
CA MET A 1 -20.78 26.18 -16.29
C MET A 1 -21.72 26.76 -15.24
N THR A 2 -21.57 26.31 -13.97
CA THR A 2 -22.33 26.93 -12.86
C THR A 2 -21.35 27.19 -11.74
N ASN A 3 -21.71 28.12 -10.89
CA ASN A 3 -20.83 28.41 -9.77
C ASN A 3 -20.70 27.19 -8.79
N ILE A 4 -21.77 26.44 -8.59
CA ILE A 4 -21.70 25.32 -7.73
C ILE A 4 -20.74 24.28 -8.29
N GLN A 5 -20.76 24.02 -9.60
CA GLN A 5 -19.93 22.94 -10.06
C GLN A 5 -18.47 23.33 -9.97
N THR A 6 -18.18 24.58 -10.26
CA THR A 6 -16.82 25.08 -10.06
C THR A 6 -16.37 25.02 -8.57
N GLN A 7 -17.23 25.47 -7.65
CA GLN A 7 -16.91 25.32 -6.23
C GLN A 7 -16.61 23.88 -5.87
N LEU A 8 -17.45 22.92 -6.31
CA LEU A 8 -17.21 21.52 -6.01
C LEU A 8 -15.89 21.00 -6.57
N ASP A 9 -15.64 21.23 -7.87
CA ASP A 9 -14.40 20.82 -8.53
C ASP A 9 -13.22 21.39 -7.78
N ASN A 10 -13.28 22.68 -7.42
CA ASN A 10 -12.14 23.31 -6.73
C ASN A 10 -11.91 22.73 -5.32
N LEU A 11 -12.98 22.56 -4.54
CA LEU A 11 -12.82 21.92 -3.22
C LEU A 11 -12.24 20.52 -3.34
N ARG A 12 -12.72 19.74 -4.32
CA ARG A 12 -12.25 18.36 -4.46
C ARG A 12 -10.74 18.35 -4.76
N LYS A 13 -10.36 19.11 -5.74
CA LYS A 13 -8.95 19.20 -6.12
C LYS A 13 -8.10 19.64 -4.94
N THR A 14 -8.57 20.68 -4.22
CA THR A 14 -7.75 21.18 -3.08
C THR A 14 -7.60 20.07 -1.97
N LEU A 15 -8.70 19.39 -1.68
CA LEU A 15 -8.70 18.44 -0.64
C LEU A 15 -7.85 17.20 -1.05
N ARG A 16 -7.90 16.75 -2.30
CA ARG A 16 -7.10 15.56 -2.70
C ARG A 16 -5.61 15.93 -2.58
N GLN A 17 -5.29 17.16 -2.98
CA GLN A 17 -3.88 17.68 -2.82
C GLN A 17 -3.46 17.73 -1.39
N TYR A 18 -4.33 18.24 -0.52
CA TYR A 18 -3.99 18.15 0.93
C TYR A 18 -3.87 16.73 1.48
N GLU A 19 -4.77 15.79 1.06
CA GLU A 19 -4.63 14.43 1.51
C GLU A 19 -3.28 13.88 1.03
N TYR A 20 -2.87 14.21 -0.18
CA TYR A 20 -1.59 13.72 -0.68
C TYR A 20 -0.46 14.28 0.19
N GLU A 21 -0.51 15.58 0.48
CA GLU A 21 0.60 16.17 1.33
C GLU A 21 0.63 15.59 2.73
N TYR A 22 -0.58 15.45 3.31
CA TYR A 22 -0.68 14.90 4.69
C TYR A 22 -0.26 13.39 4.70
N HIS A 23 -0.84 12.59 3.82
CA HIS A 23 -0.68 11.12 3.93
C HIS A 23 0.59 10.59 3.23
N VAL A 24 0.93 11.12 2.06
CA VAL A 24 2.00 10.55 1.22
C VAL A 24 3.30 11.26 1.44
N LEU A 25 3.26 12.58 1.61
CA LEU A 25 4.48 13.37 1.75
C LEU A 25 4.77 13.55 3.20
N ASP A 26 3.77 13.41 4.05
CA ASP A 26 3.97 13.66 5.47
C ASP A 26 4.50 15.07 5.60
N ASN A 27 3.97 15.97 4.78
CA ASN A 27 4.34 17.36 4.83
C ASN A 27 3.12 18.26 4.55
N PRO A 28 2.10 18.23 5.42
CA PRO A 28 0.92 19.01 5.08
C PRO A 28 1.22 20.48 4.94
N SER A 29 0.55 21.15 4.05
CA SER A 29 0.79 22.54 3.89
C SER A 29 -0.20 23.33 4.72
N VAL A 30 -1.33 22.71 5.10
CA VAL A 30 -2.30 23.41 6.04
C VAL A 30 -2.57 22.59 7.35
N PRO A 31 -3.10 23.26 8.41
CA PRO A 31 -3.47 22.56 9.61
C PRO A 31 -4.62 21.61 9.33
N ASP A 32 -4.79 20.61 10.19
CA ASP A 32 -5.85 19.66 10.07
C ASP A 32 -7.19 20.38 10.11
N SER A 33 -7.30 21.42 10.94
CA SER A 33 -8.60 22.12 11.01
C SER A 33 -8.93 22.77 9.72
N GLU A 34 -7.92 23.30 9.00
CA GLU A 34 -8.29 23.91 7.70
C GLU A 34 -8.72 22.87 6.67
N TYR A 35 -8.07 21.73 6.67
CA TYR A 35 -8.49 20.64 5.82
C TYR A 35 -9.94 20.27 6.16
N ASP A 36 -10.25 20.16 7.45
CA ASP A 36 -11.59 19.77 7.82
C ASP A 36 -12.64 20.83 7.49
N ARG A 37 -12.31 22.10 7.66
CA ARG A 37 -13.30 23.12 7.31
C ARG A 37 -13.74 22.99 5.80
N LEU A 38 -12.75 22.78 4.91
CA LEU A 38 -13.06 22.63 3.48
C LEU A 38 -13.72 21.29 3.24
N PHE A 39 -13.34 20.25 4.00
CA PHE A 39 -13.94 18.90 3.82
C PHE A 39 -15.42 18.98 4.09
N HIS A 40 -15.82 19.60 5.20
CA HIS A 40 -17.25 19.57 5.56
C HIS A 40 -17.98 20.67 4.82
N GLN A 41 -17.28 21.69 4.31
CA GLN A 41 -17.92 22.59 3.31
C GLN A 41 -18.32 21.87 2.02
N LEU A 42 -17.43 21.05 1.52
CA LEU A 42 -17.70 20.20 0.37
C LEU A 42 -18.88 19.28 0.69
N LYS A 43 -18.85 18.68 1.88
CA LYS A 43 -19.80 17.65 2.12
C LYS A 43 -21.25 18.31 2.17
N ALA A 44 -21.40 19.47 2.79
CA ALA A 44 -22.70 20.18 2.93
C ALA A 44 -23.15 20.58 1.57
N LEU A 45 -22.23 21.15 0.74
CA LEU A 45 -22.60 21.62 -0.57
C LEU A 45 -23.06 20.50 -1.49
N GLU A 46 -22.34 19.38 -1.45
CA GLU A 46 -22.75 18.22 -2.18
C GLU A 46 -24.15 17.80 -1.77
N LEU A 47 -24.43 17.76 -0.45
CA LEU A 47 -25.76 17.30 0.05
C LEU A 47 -26.90 18.24 -0.35
N GLU A 48 -26.56 19.50 -0.50
CA GLU A 48 -27.47 20.58 -0.95
C GLU A 48 -27.59 20.63 -2.45
N HIS A 49 -26.73 19.91 -3.17
CA HIS A 49 -26.81 19.84 -4.63
C HIS A 49 -26.43 18.46 -5.07
N PRO A 50 -27.25 17.47 -4.68
CA PRO A 50 -26.91 16.05 -4.85
C PRO A 50 -26.67 15.66 -6.28
N GLU A 51 -27.27 16.38 -7.23
CA GLU A 51 -27.07 15.96 -8.66
C GLU A 51 -25.55 16.09 -9.06
N PHE A 52 -24.78 16.85 -8.27
CA PHE A 52 -23.32 16.99 -8.52
C PHE A 52 -22.41 16.08 -7.65
N LEU A 53 -22.99 15.15 -6.87
CA LEU A 53 -22.21 14.27 -6.03
C LEU A 53 -21.52 13.26 -6.89
N THR A 54 -20.22 13.09 -6.71
CA THR A 54 -19.52 12.09 -7.48
C THR A 54 -19.07 10.98 -6.55
N SER A 55 -18.98 9.76 -7.08
CA SER A 55 -18.70 8.59 -6.29
C SER A 55 -17.25 8.61 -5.80
N ASP A 56 -16.34 9.29 -6.48
CA ASP A 56 -14.98 9.32 -5.98
C ASP A 56 -14.62 10.63 -5.25
N SER A 57 -15.64 11.38 -4.86
CA SER A 57 -15.38 12.61 -4.14
C SER A 57 -14.71 12.25 -2.81
N PRO A 58 -13.84 13.11 -2.28
CA PRO A 58 -13.27 12.84 -0.95
C PRO A 58 -14.25 12.58 0.22
N THR A 59 -15.47 13.10 0.14
CA THR A 59 -16.44 12.90 1.18
C THR A 59 -17.12 11.53 1.09
N GLN A 60 -16.76 10.72 0.06
CA GLN A 60 -17.53 9.44 -0.21
C GLN A 60 -16.78 8.15 0.09
N ARG A 61 -15.88 8.15 1.10
CA ARG A 61 -15.12 6.94 1.37
C ARG A 61 -15.92 5.79 2.03
N VAL A 62 -17.09 6.09 2.64
CA VAL A 62 -17.70 5.15 3.56
C VAL A 62 -19.10 4.87 3.08
N GLY A 63 -19.37 3.61 2.74
CA GLY A 63 -20.76 3.15 2.41
C GLY A 63 -21.65 3.18 3.66
N ALA A 64 -22.88 3.68 3.51
CA ALA A 64 -23.85 3.85 4.61
C ALA A 64 -24.52 2.51 5.09
N LYS A 65 -24.31 1.47 4.28
CA LYS A 65 -24.96 0.18 4.43
C LYS A 65 -23.94 -0.99 4.64
N PRO A 66 -24.07 -1.72 5.77
CA PRO A 66 -23.30 -2.97 5.99
C PRO A 66 -23.52 -3.93 4.79
N LEU A 67 -22.43 -4.51 4.29
CA LEU A 67 -22.48 -5.54 3.25
C LEU A 67 -23.06 -6.86 3.79
N SER A 68 -23.64 -7.68 2.92
CA SER A 68 -24.21 -8.97 3.36
C SER A 68 -23.17 -10.11 3.29
N GLY A 69 -22.14 -9.97 2.42
CA GLY A 69 -20.92 -10.83 2.40
C GLY A 69 -19.93 -10.33 1.35
N PHE A 70 -18.80 -11.03 1.17
CA PHE A 70 -17.80 -10.66 0.17
C PHE A 70 -17.80 -11.61 -1.05
N SER A 71 -17.79 -11.08 -2.28
CA SER A 71 -17.58 -11.91 -3.47
C SER A 71 -16.14 -12.26 -3.66
N GLN A 72 -15.91 -13.42 -4.29
CA GLN A 72 -14.57 -13.79 -4.67
C GLN A 72 -14.08 -13.09 -5.94
N ILE A 73 -12.77 -12.89 -6.02
CA ILE A 73 -12.10 -12.22 -7.16
C ILE A 73 -10.87 -13.04 -7.52
N ARG A 74 -10.86 -13.65 -8.71
CA ARG A 74 -9.66 -14.36 -9.13
C ARG A 74 -8.74 -13.30 -9.73
N HIS A 75 -7.47 -13.24 -9.30
CA HIS A 75 -6.58 -12.10 -9.73
C HIS A 75 -6.17 -12.32 -11.16
N GLU A 76 -6.12 -11.24 -11.95
CA GLU A 76 -5.73 -11.41 -13.34
C GLU A 76 -4.31 -11.89 -13.40
N ILE A 77 -3.48 -11.38 -12.49
CA ILE A 77 -2.13 -11.87 -12.35
C ILE A 77 -2.02 -12.42 -10.90
N PRO A 78 -1.51 -13.65 -10.73
CA PRO A 78 -1.35 -14.17 -9.40
C PRO A 78 -0.38 -13.28 -8.50
N MET A 79 -0.69 -13.24 -7.21
CA MET A 79 0.12 -12.64 -6.13
C MET A 79 1.00 -13.75 -5.51
N LEU A 80 2.29 -13.73 -5.85
CA LEU A 80 3.24 -14.72 -5.38
C LEU A 80 3.69 -14.45 -3.95
N SER A 81 4.38 -15.43 -3.38
CA SER A 81 4.95 -15.27 -2.03
C SER A 81 6.41 -15.01 -2.16
N LEU A 82 7.12 -15.05 -1.05
CA LEU A 82 8.53 -14.80 -1.00
C LEU A 82 9.26 -15.96 -0.31
N ASP A 83 10.38 -16.36 -0.86
CA ASP A 83 11.30 -17.19 -0.18
C ASP A 83 11.85 -16.32 0.98
N ASN A 84 12.50 -16.94 1.96
CA ASN A 84 12.88 -16.26 3.15
C ASN A 84 14.29 -16.71 3.53
N ALA A 85 15.01 -15.84 4.25
CA ALA A 85 16.31 -16.21 4.79
C ALA A 85 16.36 -15.80 6.25
N PHE A 86 17.26 -16.46 7.00
CA PHE A 86 17.32 -16.33 8.46
C PHE A 86 18.72 -15.99 9.01
N SER A 87 19.68 -15.75 8.13
CA SER A 87 21.02 -15.42 8.58
C SER A 87 21.76 -14.73 7.45
N ASP A 88 22.90 -14.08 7.79
CA ASP A 88 23.72 -13.46 6.78
C ASP A 88 24.29 -14.49 5.80
N ALA A 89 24.77 -15.64 6.29
CA ALA A 89 25.30 -16.69 5.35
C ALA A 89 24.20 -17.13 4.42
N GLU A 90 22.98 -17.28 4.92
CA GLU A 90 21.91 -17.77 4.03
C GLU A 90 21.55 -16.72 2.98
N PHE A 91 21.55 -15.45 3.40
CA PHE A 91 21.33 -14.34 2.43
C PHE A 91 22.41 -14.36 1.37
N ASN A 92 23.65 -14.49 1.84
CA ASN A 92 24.78 -14.49 0.92
C ASN A 92 24.73 -15.60 -0.04
N ALA A 93 24.25 -16.76 0.38
CA ALA A 93 24.05 -17.92 -0.59
C ALA A 93 23.03 -17.64 -1.68
N PHE A 94 21.93 -16.95 -1.30
CA PHE A 94 20.93 -16.51 -2.26
C PHE A 94 21.49 -15.56 -3.29
N VAL A 95 22.32 -14.61 -2.83
CA VAL A 95 23.04 -13.74 -3.77
C VAL A 95 24.03 -14.54 -4.69
N LYS A 96 24.90 -15.37 -4.09
CA LYS A 96 25.90 -16.09 -5.01
C LYS A 96 25.13 -16.87 -6.05
N ARG A 97 23.96 -17.36 -5.68
CA ARG A 97 23.17 -18.16 -6.60
C ARG A 97 22.73 -17.33 -7.77
N ILE A 98 22.19 -16.13 -7.49
CA ILE A 98 21.84 -15.17 -8.55
C ILE A 98 23.07 -14.80 -9.39
N GLU A 99 24.17 -14.51 -8.71
CA GLU A 99 25.40 -14.13 -9.41
C GLU A 99 25.79 -15.20 -10.45
N ASP A 100 25.77 -16.47 -10.02
CA ASP A 100 26.00 -17.53 -10.99
C ASP A 100 24.95 -17.72 -12.08
N ARG A 101 23.67 -17.58 -11.76
CA ARG A 101 22.61 -17.82 -12.75
C ARG A 101 22.55 -16.81 -13.84
N LEU A 102 22.91 -15.56 -13.51
CA LEU A 102 22.75 -14.47 -14.44
C LEU A 102 23.70 -14.70 -15.62
N ILE A 103 23.20 -14.44 -16.83
CA ILE A 103 24.03 -14.52 -18.03
C ILE A 103 25.16 -13.50 -17.90
N LEU A 104 24.81 -12.25 -17.60
CA LEU A 104 25.81 -11.19 -17.45
C LEU A 104 25.63 -10.48 -16.10
N LEU A 105 26.63 -10.60 -15.24
CA LEU A 105 26.49 -10.01 -13.93
C LEU A 105 26.98 -8.55 -13.88
N PRO A 106 26.04 -7.61 -13.67
CA PRO A 106 26.36 -6.19 -13.65
C PRO A 106 27.33 -5.78 -12.51
N LYS A 107 28.08 -4.70 -12.78
CA LYS A 107 29.20 -4.18 -11.98
C LYS A 107 28.80 -3.93 -10.56
N PRO A 108 27.85 -2.95 -10.32
CA PRO A 108 27.08 -3.17 -9.08
C PRO A 108 25.86 -4.05 -9.38
N LEU A 109 25.55 -4.95 -8.46
CA LEU A 109 24.26 -5.62 -8.42
C LEU A 109 23.41 -4.85 -7.39
N THR A 110 22.43 -4.11 -7.87
CA THR A 110 21.71 -3.12 -7.02
C THR A 110 20.45 -3.78 -6.50
N PHE A 111 20.28 -3.76 -5.19
CA PHE A 111 19.00 -4.26 -4.63
C PHE A 111 18.10 -3.09 -4.24
N CYS A 112 16.80 -3.28 -4.36
CA CYS A 112 15.87 -2.38 -3.71
C CYS A 112 15.46 -3.04 -2.40
N CYS A 113 15.80 -2.39 -1.28
CA CYS A 113 15.69 -2.98 0.03
C CYS A 113 14.52 -2.33 0.77
N GLU A 114 13.62 -3.15 1.29
CA GLU A 114 12.36 -2.60 1.83
C GLU A 114 12.09 -3.23 3.18
N PRO A 115 11.37 -2.53 4.06
CA PRO A 115 10.91 -3.20 5.24
C PRO A 115 9.82 -4.24 4.80
N LYS A 116 9.69 -5.34 5.55
CA LYS A 116 8.65 -6.37 5.30
C LYS A 116 7.50 -6.00 6.19
N LEU A 117 6.50 -5.34 5.64
CA LEU A 117 5.37 -4.86 6.45
C LEU A 117 4.57 -6.04 6.95
N ASP A 118 3.98 -5.94 8.13
CA ASP A 118 3.32 -7.09 8.66
C ASP A 118 1.82 -6.83 8.74
N GLY A 119 1.09 -6.97 7.65
CA GLY A 119 -0.31 -6.67 7.75
C GLY A 119 -1.04 -7.67 6.85
N LEU A 120 -1.83 -7.15 5.93
CA LEU A 120 -2.56 -7.97 4.93
C LEU A 120 -2.19 -7.49 3.52
N ALA A 121 -1.86 -8.40 2.64
CA ALA A 121 -1.58 -8.09 1.23
C ALA A 121 -2.89 -7.82 0.51
N VAL A 122 -2.88 -6.73 -0.26
CA VAL A 122 -4.03 -6.34 -1.05
C VAL A 122 -3.61 -5.95 -2.45
N SER A 123 -4.61 -5.89 -3.31
CA SER A 123 -4.44 -5.48 -4.70
C SER A 123 -5.52 -4.43 -4.97
N ILE A 124 -5.13 -3.29 -5.50
CA ILE A 124 -6.10 -2.18 -5.64
C ILE A 124 -6.07 -1.67 -7.09
N LEU A 125 -7.20 -1.80 -7.77
CA LEU A 125 -7.27 -1.47 -9.17
C LEU A 125 -7.80 -0.06 -9.45
N TYR A 126 -7.06 0.67 -10.28
CA TYR A 126 -7.50 1.97 -10.72
C TYR A 126 -7.73 1.87 -12.22
N VAL A 127 -8.93 2.34 -12.64
CA VAL A 127 -9.27 2.35 -14.04
C VAL A 127 -9.38 3.81 -14.49
N ASN A 128 -8.55 4.22 -15.44
CA ASN A 128 -8.47 5.63 -15.86
C ASN A 128 -8.33 6.57 -14.66
N GLY A 129 -7.50 6.16 -13.68
CA GLY A 129 -7.27 6.95 -12.48
C GLY A 129 -8.23 6.72 -11.28
N GLU A 130 -9.34 5.99 -11.49
CA GLU A 130 -10.43 5.92 -10.47
C GLU A 130 -10.38 4.55 -9.77
N LEU A 131 -10.43 4.51 -8.43
CA LEU A 131 -10.31 3.27 -7.72
C LEU A 131 -11.60 2.51 -8.02
N THR A 132 -11.52 1.31 -8.55
CA THR A 132 -12.78 0.66 -8.91
C THR A 132 -12.96 -0.70 -8.23
N GLN A 133 -11.85 -1.29 -7.80
CA GLN A 133 -11.97 -2.52 -7.04
C GLN A 133 -10.72 -2.81 -6.23
N ALA A 134 -10.91 -3.50 -5.07
CA ALA A 134 -9.80 -4.02 -4.29
C ALA A 134 -10.09 -5.40 -3.77
N ALA A 135 -9.02 -6.19 -3.71
CA ALA A 135 -9.05 -7.56 -3.24
C ALA A 135 -7.93 -7.84 -2.24
N THR A 136 -8.21 -8.72 -1.29
CA THR A 136 -7.17 -9.43 -0.59
C THR A 136 -6.38 -10.36 -1.46
N ARG A 137 -5.17 -10.69 -1.01
CA ARG A 137 -4.41 -11.70 -1.68
C ARG A 137 -5.14 -13.07 -1.73
N GLY A 138 -5.79 -13.46 -0.62
CA GLY A 138 -6.45 -14.79 -0.52
C GLY A 138 -5.32 -15.82 -0.58
N ASP A 139 -5.37 -16.76 -1.53
CA ASP A 139 -4.34 -17.77 -1.61
C ASP A 139 -3.29 -17.42 -2.65
N GLY A 140 -3.38 -16.21 -3.21
CA GLY A 140 -2.50 -15.84 -4.33
C GLY A 140 -3.19 -15.90 -5.69
N THR A 141 -4.16 -16.80 -5.81
CA THR A 141 -4.97 -16.93 -7.03
C THR A 141 -6.35 -16.24 -6.92
N THR A 142 -7.03 -16.53 -5.83
CA THR A 142 -8.33 -15.98 -5.49
C THR A 142 -8.33 -15.33 -4.12
N GLY A 143 -8.92 -14.15 -4.07
CA GLY A 143 -9.10 -13.42 -2.82
C GLY A 143 -10.53 -12.89 -2.77
N GLU A 144 -10.77 -12.03 -1.80
CA GLU A 144 -12.11 -11.47 -1.59
C GLU A 144 -12.15 -10.00 -1.93
N ASP A 145 -13.33 -9.59 -2.38
CA ASP A 145 -13.60 -8.21 -2.74
C ASP A 145 -13.76 -7.35 -1.50
N ILE A 146 -12.75 -6.54 -1.16
CA ILE A 146 -12.86 -5.62 -0.04
C ILE A 146 -12.90 -4.13 -0.48
N THR A 147 -13.46 -3.90 -1.66
CA THR A 147 -13.45 -2.55 -2.22
C THR A 147 -13.96 -1.57 -1.17
N ALA A 148 -15.10 -1.89 -0.57
CA ALA A 148 -15.76 -0.86 0.23
C ALA A 148 -14.83 -0.58 1.46
N ASN A 149 -14.15 -1.62 1.93
CA ASN A 149 -13.28 -1.49 3.12
C ASN A 149 -12.01 -0.68 2.75
N ILE A 150 -11.47 -0.98 1.58
CA ILE A 150 -10.21 -0.30 1.12
C ILE A 150 -10.51 1.19 0.88
N ARG A 151 -11.72 1.49 0.36
CA ARG A 151 -12.08 2.89 0.22
C ARG A 151 -12.02 3.70 1.48
N THR A 152 -12.19 3.08 2.65
CA THR A 152 -12.22 3.82 3.92
C THR A 152 -10.83 4.33 4.35
N ILE A 153 -9.76 3.70 3.84
CA ILE A 153 -8.42 3.92 4.40
C ILE A 153 -8.03 5.32 3.99
N ARG A 154 -7.60 6.11 4.93
CA ARG A 154 -7.38 7.55 4.67
C ARG A 154 -6.29 7.88 3.67
N ASN A 155 -5.23 7.08 3.70
CA ASN A 155 -4.08 7.29 2.77
C ASN A 155 -4.21 6.57 1.40
N VAL A 156 -5.33 5.91 1.13
CA VAL A 156 -5.60 5.33 -0.20
C VAL A 156 -6.37 6.38 -1.05
N PRO A 157 -5.78 6.86 -2.18
CA PRO A 157 -6.56 7.87 -2.92
C PRO A 157 -7.72 7.15 -3.69
N LEU A 158 -8.86 7.83 -3.73
CA LEU A 158 -9.98 7.38 -4.56
C LEU A 158 -9.70 7.64 -6.06
N GLN A 159 -8.86 8.64 -6.34
CA GLN A 159 -8.41 8.84 -7.69
C GLN A 159 -6.92 9.16 -7.80
N LEU A 160 -6.25 8.66 -8.83
CA LEU A 160 -4.80 8.96 -8.86
C LEU A 160 -4.58 10.44 -9.12
N LEU A 161 -3.50 10.94 -8.56
CA LEU A 161 -3.19 12.34 -8.70
C LEU A 161 -2.26 12.60 -9.94
N THR A 162 -2.83 12.67 -11.13
CA THR A 162 -2.08 12.86 -12.39
C THR A 162 -3.13 13.15 -13.47
N ASP A 163 -2.80 13.97 -14.47
CA ASP A 163 -3.83 14.22 -15.50
C ASP A 163 -3.79 13.18 -16.57
N ASN A 164 -2.75 12.34 -16.53
CA ASN A 164 -2.66 11.19 -17.42
C ASN A 164 -2.55 9.81 -16.76
N PRO A 165 -3.60 9.39 -16.07
CA PRO A 165 -3.45 8.07 -15.45
C PRO A 165 -3.40 6.95 -16.46
N PRO A 166 -2.78 5.79 -16.11
CA PRO A 166 -2.81 4.66 -17.06
C PRO A 166 -4.24 4.23 -17.31
N ALA A 167 -4.43 3.44 -18.38
CA ALA A 167 -5.75 2.87 -18.65
C ALA A 167 -6.18 1.97 -17.48
N ARG A 168 -5.27 1.11 -17.01
CA ARG A 168 -5.50 0.34 -15.79
C ARG A 168 -4.21 0.20 -15.03
N LEU A 169 -4.33 0.26 -13.72
CA LEU A 169 -3.13 0.20 -12.85
C LEU A 169 -3.55 -0.44 -11.59
N GLU A 170 -2.86 -1.51 -11.26
CA GLU A 170 -3.25 -2.25 -10.07
C GLU A 170 -2.04 -2.11 -9.17
N VAL A 171 -2.35 -1.53 -8.04
CA VAL A 171 -1.34 -1.28 -6.99
C VAL A 171 -1.33 -2.43 -5.97
N ARG A 172 -0.16 -2.98 -5.69
CA ARG A 172 -0.08 -4.00 -4.67
C ARG A 172 0.68 -3.47 -3.44
N GLY A 173 0.14 -3.78 -2.25
CA GLY A 173 0.69 -3.22 -0.99
C GLY A 173 0.21 -3.97 0.22
N GLU A 174 0.69 -3.52 1.37
CA GLU A 174 0.29 -4.11 2.60
C GLU A 174 -0.60 -3.11 3.28
N VAL A 175 -1.74 -3.58 3.76
CA VAL A 175 -2.54 -2.77 4.71
C VAL A 175 -2.18 -3.23 6.15
N PHE A 176 -1.81 -2.26 7.00
CA PHE A 176 -1.37 -2.55 8.31
C PHE A 176 -1.86 -1.45 9.29
N MET A 177 -1.76 -1.72 10.59
CA MET A 177 -2.22 -0.81 11.63
C MET A 177 -1.01 -0.31 12.45
N PRO A 178 -0.60 0.99 12.35
CA PRO A 178 0.46 1.48 13.27
C PRO A 178 0.20 1.21 14.75
N HIS A 179 1.26 1.26 15.56
CA HIS A 179 1.13 0.95 16.99
C HIS A 179 0.17 1.89 17.72
N ALA A 180 0.20 3.18 17.43
CA ALA A 180 -0.61 4.12 18.28
C ALA A 180 -2.09 3.81 18.07
N GLY A 181 -2.47 3.63 16.81
CA GLY A 181 -3.85 3.22 16.44
C GLY A 181 -4.18 1.88 17.06
N PHE A 182 -3.25 0.94 16.99
CA PHE A 182 -3.46 -0.39 17.63
C PHE A 182 -3.77 -0.26 19.16
N GLU A 183 -2.92 0.49 19.87
CA GLU A 183 -3.14 0.75 21.30
C GLU A 183 -4.45 1.54 21.61
N ARG A 184 -4.83 2.54 20.84
CA ARG A 184 -6.13 3.20 21.01
C ARG A 184 -7.28 2.22 20.73
N LEU A 185 -7.13 1.36 19.74
CA LEU A 185 -8.20 0.39 19.40
C LEU A 185 -8.47 -0.60 20.54
N ASN A 186 -7.41 -1.22 21.08
CA ASN A 186 -7.55 -2.20 22.17
C ASN A 186 -8.04 -1.55 23.50
N LYS A 187 -7.62 -0.33 23.79
CA LYS A 187 -8.16 0.45 24.89
C LYS A 187 -9.68 0.70 24.66
N TYR A 188 -10.05 1.26 23.50
CA TYR A 188 -11.46 1.41 23.13
C TYR A 188 -12.30 0.10 23.24
N ALA A 189 -11.77 -1.04 22.76
CA ALA A 189 -12.52 -2.31 22.68
C ALA A 189 -12.70 -3.00 24.01
N LEU A 190 -11.81 -2.67 24.94
CA LEU A 190 -11.87 -3.14 26.31
C LEU A 190 -12.93 -2.30 27.04
N GLU A 191 -12.80 -0.98 26.97
CA GLU A 191 -13.79 -0.08 27.56
C GLU A 191 -15.20 -0.23 26.96
N HIS A 192 -15.38 -1.10 25.97
CA HIS A 192 -16.69 -1.33 25.32
C HIS A 192 -16.95 -2.82 25.05
N ASN A 193 -16.16 -3.68 25.70
CA ASN A 193 -16.40 -5.14 25.75
C ASN A 193 -16.50 -5.85 24.37
N GLU A 194 -15.67 -5.39 23.45
CA GLU A 194 -15.54 -5.95 22.12
C GLU A 194 -14.21 -6.74 22.04
N LYS A 195 -14.08 -7.53 20.98
CA LYS A 195 -12.86 -8.26 20.62
C LYS A 195 -11.60 -7.38 20.74
N THR A 196 -10.76 -7.68 21.73
CA THR A 196 -9.40 -7.15 21.84
C THR A 196 -8.56 -7.89 20.83
N PHE A 197 -7.45 -7.29 20.35
CA PHE A 197 -6.61 -7.97 19.37
C PHE A 197 -5.21 -8.20 19.88
N ALA A 198 -4.65 -9.35 19.52
CA ALA A 198 -3.35 -9.77 20.03
C ALA A 198 -2.19 -8.96 19.56
N ASN A 199 -2.21 -8.53 18.29
CA ASN A 199 -1.11 -7.79 17.70
C ASN A 199 -1.67 -6.97 16.49
N PRO A 200 -0.89 -5.96 16.01
CA PRO A 200 -1.39 -5.16 14.89
C PRO A 200 -1.74 -5.96 13.65
N ARG A 201 -1.02 -7.03 13.34
CA ARG A 201 -1.35 -7.83 12.19
C ARG A 201 -2.76 -8.30 12.25
N ASN A 202 -3.14 -8.92 13.36
CA ASN A 202 -4.51 -9.44 13.53
C ASN A 202 -5.58 -8.36 13.53
N ALA A 203 -5.27 -7.16 14.09
CA ALA A 203 -6.24 -6.07 14.07
C ALA A 203 -6.53 -5.62 12.62
N ALA A 204 -5.48 -5.59 11.78
CA ALA A 204 -5.66 -5.15 10.43
C ALA A 204 -6.52 -6.18 9.68
N ALA A 205 -6.21 -7.48 9.84
CA ALA A 205 -6.91 -8.56 9.10
C ALA A 205 -8.34 -8.53 9.52
N GLY A 206 -8.62 -8.45 10.80
CA GLY A 206 -9.98 -8.45 11.27
C GLY A 206 -10.73 -7.18 10.88
N SER A 207 -10.05 -6.03 10.87
CA SER A 207 -10.68 -4.78 10.38
C SER A 207 -11.10 -4.85 8.90
N LEU A 208 -10.26 -5.48 8.06
CA LEU A 208 -10.59 -5.74 6.66
C LEU A 208 -11.61 -6.86 6.35
N ARG A 209 -11.92 -7.71 7.33
CA ARG A 209 -13.05 -8.63 7.11
C ARG A 209 -14.34 -8.01 7.64
N GLN A 210 -14.35 -6.75 8.09
CA GLN A 210 -15.61 -6.10 8.53
C GLN A 210 -16.54 -5.96 7.37
N LEU A 211 -17.78 -6.42 7.51
CA LEU A 211 -18.73 -6.25 6.42
C LEU A 211 -19.32 -4.85 6.45
N ASP A 212 -19.17 -4.15 7.56
CA ASP A 212 -19.76 -2.82 7.67
C ASP A 212 -18.66 -1.80 7.52
N PRO A 213 -18.58 -1.12 6.36
CA PRO A 213 -17.47 -0.26 6.10
C PRO A 213 -17.44 0.85 7.14
N ASN A 214 -18.59 1.22 7.73
CA ASN A 214 -18.57 2.16 8.83
C ASN A 214 -17.71 1.79 10.00
N ILE A 215 -17.51 0.49 10.22
CA ILE A 215 -16.68 0.05 11.33
C ILE A 215 -15.21 0.14 10.87
N THR A 216 -14.96 -0.40 9.68
CA THR A 216 -13.60 -0.33 9.05
C THR A 216 -13.07 1.10 9.02
N SER A 217 -14.00 2.05 8.74
CA SER A 217 -13.62 3.44 8.71
C SER A 217 -13.02 3.90 10.05
N LYS A 218 -13.51 3.33 11.15
CA LYS A 218 -13.00 3.73 12.46
C LYS A 218 -11.73 3.00 12.80
N ARG A 219 -11.32 2.03 11.97
CA ARG A 219 -10.04 1.32 12.22
C ARG A 219 -8.86 2.05 11.61
N PRO A 220 -7.82 2.27 12.40
CA PRO A 220 -6.78 3.13 11.88
C PRO A 220 -5.76 2.44 10.93
N LEU A 221 -6.23 2.01 9.77
CA LEU A 221 -5.47 1.30 8.75
C LEU A 221 -4.68 2.26 7.84
N VAL A 222 -3.53 1.77 7.35
CA VAL A 222 -2.76 2.47 6.33
C VAL A 222 -2.27 1.47 5.26
N LEU A 223 -2.19 1.95 4.01
CA LEU A 223 -1.53 1.23 2.97
C LEU A 223 -0.09 1.68 2.83
N ASN A 224 0.81 0.72 2.65
CA ASN A 224 2.03 1.03 1.92
C ASN A 224 2.10 0.16 0.66
N ALA A 225 2.35 0.76 -0.52
CA ALA A 225 2.39 0.06 -1.80
C ALA A 225 3.81 -0.47 -1.99
N TYR A 226 3.92 -1.72 -2.43
CA TYR A 226 5.28 -2.20 -2.78
C TYR A 226 5.43 -2.82 -4.15
N GLY A 227 4.40 -2.76 -4.95
CA GLY A 227 4.49 -3.32 -6.31
C GLY A 227 3.31 -2.95 -7.14
N ILE A 228 3.29 -3.52 -8.36
CA ILE A 228 2.27 -3.19 -9.32
C ILE A 228 1.83 -4.50 -9.99
N GLY A 229 0.55 -4.66 -10.20
CA GLY A 229 0.02 -5.86 -10.94
C GLY A 229 -0.18 -5.53 -12.40
N ILE A 230 -1.43 -5.47 -12.84
CA ILE A 230 -1.77 -4.92 -14.15
C ILE A 230 -1.21 -3.49 -14.31
N ALA A 231 -0.74 -3.11 -15.52
CA ALA A 231 -0.28 -1.74 -15.85
C ALA A 231 -0.40 -1.63 -17.38
N GLU A 232 -1.52 -1.07 -17.78
CA GLU A 232 -1.90 -0.91 -19.16
C GLU A 232 -1.99 0.55 -19.47
N GLY A 233 -1.33 0.97 -20.56
CA GLY A 233 -1.46 2.32 -21.07
C GLY A 233 -0.42 3.17 -20.37
N VAL A 234 0.70 2.58 -19.96
CA VAL A 234 1.75 3.35 -19.33
C VAL A 234 3.05 2.63 -19.57
N ASP A 235 4.17 3.36 -19.57
CA ASP A 235 5.46 2.71 -19.67
C ASP A 235 6.04 2.75 -18.29
N LEU A 236 5.98 1.62 -17.60
CA LEU A 236 6.51 1.53 -16.26
C LEU A 236 8.02 1.73 -16.28
N PRO A 237 8.56 2.46 -15.29
CA PRO A 237 10.01 2.53 -15.22
C PRO A 237 10.64 1.15 -15.24
N THR A 238 11.94 1.06 -15.51
CA THR A 238 12.61 -0.26 -15.68
C THR A 238 13.45 -0.70 -14.52
N THR A 239 13.24 -0.03 -13.37
CA THR A 239 13.77 -0.45 -12.09
C THR A 239 12.58 -0.41 -11.09
N HIS A 240 12.63 -1.32 -10.14
CA HIS A 240 11.57 -1.41 -9.17
C HIS A 240 11.55 -0.11 -8.31
N TYR A 241 12.71 0.38 -7.85
CA TYR A 241 12.66 1.63 -7.01
C TYR A 241 12.00 2.76 -7.77
N ALA A 242 12.37 2.92 -9.05
CA ALA A 242 11.79 3.97 -9.87
C ALA A 242 10.26 3.77 -10.01
N ARG A 243 9.76 2.54 -10.14
CA ARG A 243 8.34 2.33 -10.16
C ARG A 243 7.63 2.79 -8.85
N LEU A 244 8.24 2.50 -7.72
CA LEU A 244 7.72 2.97 -6.43
C LEU A 244 7.78 4.54 -6.37
N GLN A 245 8.84 5.15 -6.83
CA GLN A 245 8.88 6.63 -6.82
C GLN A 245 7.76 7.15 -7.73
N TRP A 246 7.44 6.40 -8.78
CA TRP A 246 6.40 6.86 -9.71
C TRP A 246 5.00 6.71 -9.10
N LEU A 247 4.81 5.60 -8.40
CA LEU A 247 3.56 5.42 -7.68
C LEU A 247 3.41 6.61 -6.68
N LYS A 248 4.47 6.86 -5.92
CA LYS A 248 4.40 7.97 -4.98
C LYS A 248 4.07 9.30 -5.68
N SER A 249 4.66 9.49 -6.86
CA SER A 249 4.49 10.75 -7.48
C SER A 249 3.08 10.93 -8.06
N ILE A 250 2.32 9.80 -8.23
CA ILE A 250 0.95 9.90 -8.66
C ILE A 250 -0.09 9.69 -7.56
N GLY A 251 0.31 9.71 -6.29
CA GLY A 251 -0.69 9.76 -5.20
C GLY A 251 -0.75 8.57 -4.25
N ILE A 252 0.19 7.64 -4.41
CA ILE A 252 0.15 6.36 -3.73
C ILE A 252 1.20 6.32 -2.66
N PRO A 253 0.79 5.94 -1.42
CA PRO A 253 1.70 5.97 -0.30
C PRO A 253 2.69 4.82 -0.46
N VAL A 254 3.93 5.09 -0.16
CA VAL A 254 5.03 4.06 -0.27
C VAL A 254 5.85 4.24 0.99
N ASN A 255 6.46 3.14 1.46
CA ASN A 255 7.17 3.25 2.72
C ASN A 255 8.44 4.08 2.58
N PRO A 256 8.70 5.04 3.52
CA PRO A 256 9.89 5.93 3.36
C PRO A 256 11.23 5.28 3.79
N GLU A 257 11.22 4.05 4.31
CA GLU A 257 12.48 3.39 4.72
C GLU A 257 13.22 2.70 3.60
N ILE A 258 12.67 2.76 2.38
CA ILE A 258 13.21 1.97 1.27
C ILE A 258 14.47 2.62 0.75
N ARG A 259 15.48 1.80 0.41
CA ARG A 259 16.76 2.33 -0.09
C ARG A 259 17.23 1.44 -1.22
N LEU A 260 18.07 2.00 -2.08
CA LEU A 260 18.92 1.23 -3.01
C LEU A 260 20.25 0.89 -2.35
N CYS A 261 20.71 -0.34 -2.58
CA CYS A 261 21.95 -0.76 -2.00
C CYS A 261 22.70 -1.59 -3.01
N ASN A 262 24.01 -1.41 -3.05
CA ASN A 262 24.82 -2.04 -4.11
C ASN A 262 25.58 -3.19 -3.52
N GLY A 263 25.18 -4.42 -3.86
CA GLY A 263 25.95 -5.61 -3.49
C GLY A 263 25.57 -6.08 -2.12
N ALA A 264 25.93 -7.31 -1.78
CA ALA A 264 25.41 -7.94 -0.56
C ALA A 264 25.79 -7.29 0.77
N ASP A 265 27.03 -6.81 0.89
CA ASP A 265 27.51 -6.13 2.11
C ASP A 265 26.70 -4.86 2.44
N GLU A 266 26.45 -4.04 1.45
CA GLU A 266 25.57 -2.85 1.65
C GLU A 266 24.19 -3.31 2.05
N VAL A 267 23.64 -4.37 1.41
CA VAL A 267 22.33 -4.87 1.76
C VAL A 267 22.30 -5.30 3.23
N LEU A 268 23.32 -6.02 3.64
CA LEU A 268 23.45 -6.41 5.05
C LEU A 268 23.44 -5.22 6.03
N GLY A 269 24.10 -4.12 5.66
CA GLY A 269 24.09 -2.88 6.48
C GLY A 269 22.66 -2.29 6.59
N PHE A 270 21.94 -2.23 5.46
CA PHE A 270 20.48 -1.91 5.46
C PHE A 270 19.64 -2.76 6.41
N TYR A 271 19.86 -4.09 6.37
CA TYR A 271 19.23 -5.04 7.28
C TYR A 271 19.57 -4.73 8.74
N ARG A 272 20.86 -4.57 9.05
CA ARG A 272 21.22 -4.27 10.44
C ARG A 272 20.58 -2.96 10.90
N ASP A 273 20.64 -1.93 10.05
CA ASP A 273 20.05 -0.62 10.39
C ASP A 273 18.56 -0.69 10.65
N ILE A 274 17.81 -1.32 9.73
CA ILE A 274 16.40 -1.58 9.92
C ILE A 274 16.14 -2.35 11.19
N GLN A 275 16.93 -3.40 11.42
CA GLN A 275 16.74 -4.19 12.64
C GLN A 275 16.91 -3.34 13.92
N ASN A 276 17.88 -2.41 13.93
CA ASN A 276 18.05 -1.44 15.00
C ASN A 276 16.86 -0.49 15.20
N LYS A 277 16.44 0.19 14.12
CA LYS A 277 15.27 1.09 14.10
C LYS A 277 13.96 0.40 14.49
N ARG A 278 13.94 -0.93 14.46
CA ARG A 278 12.71 -1.66 14.50
C ARG A 278 11.89 -1.17 15.67
N SER A 279 12.59 -1.06 16.81
CA SER A 279 12.07 -0.65 18.12
C SER A 279 11.24 0.61 18.04
N SER A 280 11.69 1.58 17.26
CA SER A 280 11.07 2.88 17.19
C SER A 280 10.35 3.24 15.86
N LEU A 281 10.15 2.27 14.96
CA LEU A 281 9.32 2.54 13.77
C LEU A 281 7.95 2.74 14.39
N GLY A 282 7.06 3.45 13.86
CA GLY A 282 5.83 3.29 14.79
C GLY A 282 4.85 2.15 14.36
N TYR A 283 5.41 1.02 13.89
CA TYR A 283 4.56 -0.02 13.33
C TYR A 283 5.40 -1.29 13.23
N ASP A 284 4.73 -2.42 13.04
CA ASP A 284 5.44 -3.71 13.07
C ASP A 284 5.97 -4.12 11.69
N ILE A 285 7.18 -4.66 11.66
CA ILE A 285 7.73 -5.24 10.44
C ILE A 285 8.29 -6.66 10.76
N ASP A 286 8.42 -7.54 9.79
CA ASP A 286 8.66 -8.96 10.06
C ASP A 286 10.18 -9.24 9.78
N GLY A 287 10.76 -8.32 9.04
CA GLY A 287 12.18 -8.40 8.59
C GLY A 287 12.28 -7.43 7.42
N THR A 288 13.05 -7.80 6.40
CA THR A 288 13.26 -6.96 5.20
C THR A 288 12.91 -7.76 3.95
N VAL A 289 12.43 -7.09 2.87
CA VAL A 289 12.38 -7.72 1.52
C VAL A 289 13.45 -7.11 0.63
N LEU A 290 14.43 -7.93 0.22
CA LEU A 290 15.51 -7.51 -0.68
C LEU A 290 15.25 -7.97 -2.11
N LYS A 291 15.18 -7.03 -3.03
CA LYS A 291 14.73 -7.30 -4.37
C LYS A 291 15.83 -6.82 -5.30
N ILE A 292 16.11 -7.61 -6.34
CA ILE A 292 16.89 -7.14 -7.48
C ILE A 292 16.12 -5.96 -8.10
N ASN A 293 16.82 -4.84 -8.23
CA ASN A 293 16.20 -3.56 -8.64
C ASN A 293 15.95 -3.48 -10.11
N ASP A 294 16.86 -4.07 -10.91
CA ASP A 294 16.66 -4.03 -12.34
C ASP A 294 15.56 -5.04 -12.83
N ILE A 295 14.55 -4.56 -13.52
CA ILE A 295 13.38 -5.33 -13.92
C ILE A 295 13.81 -6.40 -15.00
N ALA A 296 14.72 -6.03 -15.88
CA ALA A 296 15.20 -7.00 -16.89
C ALA A 296 15.90 -8.15 -16.18
N LEU A 297 16.80 -7.87 -15.23
CA LEU A 297 17.38 -8.90 -14.41
C LEU A 297 16.29 -9.77 -13.67
N GLN A 298 15.23 -9.12 -13.13
CA GLN A 298 14.18 -9.87 -12.47
C GLN A 298 13.53 -10.80 -13.52
N ASN A 299 13.20 -10.30 -14.69
CA ASN A 299 12.52 -11.12 -15.70
C ASN A 299 13.49 -12.28 -16.11
N GLU A 300 14.78 -11.97 -16.28
CA GLU A 300 15.75 -13.03 -16.56
C GLU A 300 15.71 -14.14 -15.46
N LEU A 301 15.76 -13.77 -14.18
CA LEU A 301 15.73 -14.75 -13.10
C LEU A 301 14.43 -15.53 -12.98
N GLY A 302 13.30 -14.92 -13.36
CA GLY A 302 11.96 -15.51 -13.22
C GLY A 302 11.52 -15.95 -11.82
N PHE A 303 10.64 -16.97 -11.81
CA PHE A 303 9.97 -17.49 -10.63
C PHE A 303 10.32 -18.95 -10.40
N ILE A 304 10.31 -19.40 -9.15
CA ILE A 304 10.45 -20.81 -8.82
C ILE A 304 9.09 -21.18 -8.35
N SER A 305 8.48 -22.22 -8.97
CA SER A 305 7.07 -22.51 -8.69
C SER A 305 6.67 -21.05 -8.45
N LYS A 306 6.37 -20.63 -7.21
CA LYS A 306 5.61 -19.40 -7.02
C LYS A 306 6.15 -18.38 -5.93
N ALA A 307 7.43 -18.14 -6.00
CA ALA A 307 8.07 -17.00 -5.38
C ALA A 307 9.04 -16.55 -6.45
N PRO A 308 9.37 -15.24 -6.48
CA PRO A 308 10.48 -14.77 -7.33
C PRO A 308 11.78 -15.42 -6.97
N ARG A 309 12.61 -15.68 -7.97
CA ARG A 309 13.97 -15.98 -7.65
C ARG A 309 14.71 -14.67 -7.40
N TRP A 310 14.04 -13.51 -7.63
CA TRP A 310 14.78 -12.23 -7.61
C TRP A 310 14.64 -11.40 -6.30
N ALA A 311 13.96 -12.00 -5.32
CA ALA A 311 13.71 -11.31 -4.08
C ALA A 311 13.78 -12.34 -3.02
N ILE A 312 14.03 -11.88 -1.80
CA ILE A 312 13.95 -12.74 -0.60
C ILE A 312 13.58 -11.91 0.62
N ALA A 313 12.83 -12.50 1.58
CA ALA A 313 12.50 -11.88 2.84
C ALA A 313 13.51 -12.30 3.84
N TYR A 314 14.44 -11.43 4.19
CA TYR A 314 15.37 -11.77 5.23
C TYR A 314 14.72 -11.39 6.54
N LYS A 315 14.32 -12.40 7.32
CA LYS A 315 13.53 -12.13 8.48
C LYS A 315 14.41 -11.84 9.69
N PHE A 316 13.80 -11.22 10.70
CA PHE A 316 14.56 -10.97 11.95
C PHE A 316 14.45 -12.23 12.87
N PRO A 317 15.50 -12.54 13.66
CA PRO A 317 15.41 -13.65 14.66
C PRO A 317 14.48 -13.29 15.85
N ALA A 318 13.91 -14.28 16.54
CA ALA A 318 13.00 -13.96 17.69
C ALA A 318 13.68 -13.33 18.93
S IVH B . 6.83 -7.99 -2.58
C1 IVH B . 6.36 -11.04 -5.59
N1 IVH B . 7.39 -6.49 -0.60
O1 IVH B . 5.01 -10.65 2.23
C2 IVH B . 6.72 -10.30 -4.31
N2 IVH B . 5.92 -8.27 -0.15
O2 IVH B . 5.70 -13.25 2.06
C3 IVH B . 5.51 -10.26 -3.38
N3 IVH B . 5.19 -8.29 2.21
O3 IVH B . 2.17 -11.42 0.26
C4 IVH B . 5.31 -8.91 -2.73
N4 IVH B . 6.39 -6.54 2.83
O4 IVH B . 1.99 -9.59 2.12
C5 IVH B . 6.70 -7.59 -0.97
N5 IVH B . 8.15 -4.96 0.92
C6 IVH B . 7.37 -6.06 0.62
C7 IVH B . 6.59 -6.74 1.52
C8 IVH B . 5.86 -7.87 1.13
C9 IVH B . 5.52 -7.47 3.22
C10 IVH B . 4.26 -9.44 2.41
C11 IVH B . 3.17 -9.48 1.37
C12 IVH B . 3.38 -10.80 0.61
C13 IVH B . 4.15 -11.62 1.57
C14 IVH B . 5.07 -12.62 0.91
C1 IWH C . -10.21 16.83 12.18
N1 IWH C . -5.61 15.11 7.87
O1 IWH C . -6.72 13.33 7.01
C2 IWH C . -9.07 16.21 11.42
N2 IWH C . -4.06 18.54 5.20
O2 IWH C . -3.60 18.86 7.36
C3 IWH C . -8.96 16.45 10.04
C4 IWH C . -7.90 15.89 9.28
C5 IWH C . -6.96 15.15 9.95
C6 IWH C . -7.07 14.90 11.33
C7 IWH C . -8.13 15.42 12.08
C8 IWH C . -6.02 14.06 12.11
C9 IWH C . -5.82 14.53 9.17
C10 IWH C . -4.99 16.32 7.77
C11 IWH C . -4.81 16.87 6.54
C12 IWH C . -5.29 16.21 5.35
C13 IWH C . -5.97 14.98 5.50
C14 IWH C . -6.10 14.45 6.80
C15 IWH C . -4.13 18.18 6.42
#